data_2Q2G
#
_entry.id   2Q2G
#
_cell.length_a   162.480
_cell.length_b   60.590
_cell.length_c   48.830
_cell.angle_alpha   90.00
_cell.angle_beta   106.19
_cell.angle_gamma   90.00
#
_symmetry.space_group_name_H-M   'C 1 2 1'
#
loop_
_entity.id
_entity.type
_entity.pdbx_description
1 polymer 'Heat shock 40 kDa protein, putative (fragment)'
2 non-polymer 'SULFATE ION'
3 water water
#
_entity_poly.entity_id   1
_entity_poly.type   'polypeptide(L)'
_entity_poly.pdbx_seq_one_letter_code
;GAPRSHEVPLLVTLEELYLGKRKKIKVTRKRFIEHKVRNEENIVEVEIKPGWKDGTKLTYSGEGDQESPGTSPGDLVLII
QTKTHPRFTRDDCHLI(MSE)KVTIPLVRALTGFTCPVTTLDNRNLQIPIKEIVNPKTRKIVPNEG(MSE)PIKNQPGQK
GDLILEFDICFPKSLTPEQKKLIKEALD
;
_entity_poly.pdbx_strand_id   A,B
#
# COMPACT_ATOMS: atom_id res chain seq x y z
N ARG A 4 -23.57 -34.34 2.64
CA ARG A 4 -22.86 -33.14 3.17
C ARG A 4 -21.54 -32.92 2.43
N SER A 5 -20.78 -31.91 2.84
CA SER A 5 -19.49 -31.62 2.23
C SER A 5 -18.78 -30.45 2.92
N HIS A 6 -17.44 -30.45 2.82
CA HIS A 6 -16.61 -29.41 3.42
C HIS A 6 -15.42 -29.14 2.50
N GLU A 7 -14.84 -27.92 2.58
CA GLU A 7 -13.72 -27.54 1.72
C GLU A 7 -12.35 -27.65 2.38
N VAL A 8 -11.36 -28.02 1.59
CA VAL A 8 -9.98 -28.19 2.06
C VAL A 8 -9.02 -27.55 1.08
N PRO A 9 -8.08 -26.74 1.56
CA PRO A 9 -7.16 -26.10 0.61
C PRO A 9 -6.25 -27.12 -0.12
N LEU A 10 -5.96 -26.85 -1.39
CA LEU A 10 -5.05 -27.67 -2.18
C LEU A 10 -3.96 -26.69 -2.60
N LEU A 11 -2.82 -26.75 -1.92
CA LEU A 11 -1.71 -25.83 -2.19
C LEU A 11 -0.88 -26.20 -3.43
N VAL A 12 -0.79 -25.27 -4.38
CA VAL A 12 -0.03 -25.49 -5.61
C VAL A 12 0.97 -24.35 -5.82
N THR A 13 1.93 -24.54 -6.73
CA THR A 13 2.90 -23.48 -7.03
C THR A 13 2.57 -22.84 -8.36
N LEU A 14 3.13 -21.66 -8.60
CA LEU A 14 2.90 -20.98 -9.87
C LEU A 14 3.46 -21.85 -10.99
N GLU A 15 4.52 -22.60 -10.70
CA GLU A 15 5.10 -23.46 -11.72
C GLU A 15 4.07 -24.52 -12.15
N GLU A 16 3.32 -25.06 -11.18
CA GLU A 16 2.33 -26.08 -11.48
C GLU A 16 1.14 -25.51 -12.27
N LEU A 17 0.74 -24.28 -11.94
CA LEU A 17 -0.38 -23.64 -12.61
C LEU A 17 0.02 -23.16 -14.01
N TYR A 18 1.33 -23.02 -14.24
CA TYR A 18 1.83 -22.58 -15.54
C TYR A 18 1.92 -23.77 -16.51
N LEU A 19 2.56 -24.85 -16.06
CA LEU A 19 2.75 -26.02 -16.89
C LEU A 19 1.66 -27.09 -16.80
N GLY A 20 0.88 -27.07 -15.73
CA GLY A 20 -0.12 -28.10 -15.54
C GLY A 20 0.63 -29.22 -14.81
N LYS A 21 -0.07 -30.02 -14.03
CA LYS A 21 0.60 -31.09 -13.31
C LYS A 21 -0.39 -32.18 -12.89
N ARG A 22 0.02 -33.45 -13.05
CA ARG A 22 -0.85 -34.54 -12.64
C ARG A 22 -0.12 -35.20 -11.47
N LYS A 23 -0.77 -35.28 -10.31
CA LYS A 23 -0.09 -35.91 -9.18
C LYS A 23 -1.03 -36.51 -8.13
N LYS A 24 -0.44 -37.28 -7.23
CA LYS A 24 -1.15 -37.95 -6.15
C LYS A 24 -1.20 -37.03 -4.94
N ILE A 25 -2.38 -36.90 -4.36
CA ILE A 25 -2.64 -36.06 -3.22
C ILE A 25 -3.20 -36.89 -2.06
N LYS A 26 -2.79 -36.57 -0.84
CA LYS A 26 -3.31 -37.29 0.31
C LYS A 26 -4.41 -36.46 0.95
N VAL A 27 -5.57 -37.07 1.15
CA VAL A 27 -6.67 -36.35 1.79
C VAL A 27 -7.07 -37.13 3.03
N THR A 28 -7.79 -36.47 3.93
CA THR A 28 -8.23 -37.11 5.15
C THR A 28 -9.71 -36.77 5.34
N ARG A 29 -10.44 -37.70 5.94
CA ARG A 29 -11.86 -37.48 6.19
C ARG A 29 -12.35 -38.40 7.31
N LYS A 30 -13.47 -38.01 7.92
CA LYS A 30 -14.08 -38.75 9.03
C LYS A 30 -14.78 -40.03 8.59
N ARG A 31 -14.43 -41.15 9.21
CA ARG A 31 -15.04 -42.44 8.89
C ARG A 31 -15.26 -43.25 10.18
N PHE A 32 -16.37 -43.98 10.26
CA PHE A 32 -16.65 -44.82 11.42
C PHE A 32 -16.00 -46.18 11.25
N ILE A 33 -15.09 -46.49 12.16
CA ILE A 33 -14.35 -47.77 12.14
C ILE A 33 -14.48 -48.39 13.53
N GLU A 34 -15.03 -49.60 13.59
CA GLU A 34 -15.21 -50.29 14.87
C GLU A 34 -15.88 -49.36 15.89
N HIS A 35 -17.00 -48.77 15.48
CA HIS A 35 -17.82 -47.88 16.34
C HIS A 35 -17.23 -46.54 16.76
N LYS A 36 -16.06 -46.19 16.24
CA LYS A 36 -15.42 -44.92 16.60
C LYS A 36 -15.11 -44.07 15.38
N VAL A 37 -15.23 -42.76 15.52
CA VAL A 37 -14.91 -41.86 14.41
C VAL A 37 -13.40 -41.82 14.30
N ARG A 38 -12.89 -41.94 13.08
CA ARG A 38 -11.44 -41.92 12.86
C ARG A 38 -11.14 -40.97 11.69
N ASN A 39 -9.91 -40.46 11.65
CA ASN A 39 -9.50 -39.59 10.55
C ASN A 39 -8.79 -40.50 9.56
N GLU A 40 -9.52 -40.98 8.56
CA GLU A 40 -8.98 -41.90 7.58
C GLU A 40 -8.33 -41.21 6.38
N GLU A 41 -7.07 -41.54 6.13
CA GLU A 41 -6.33 -40.98 5.01
C GLU A 41 -6.62 -41.81 3.76
N ASN A 42 -6.65 -41.16 2.60
CA ASN A 42 -6.84 -41.85 1.32
C ASN A 42 -6.03 -41.04 0.31
N ILE A 43 -5.66 -41.68 -0.80
CA ILE A 43 -4.89 -41.00 -1.83
C ILE A 43 -5.71 -40.80 -3.08
N VAL A 44 -5.80 -39.56 -3.54
CA VAL A 44 -6.56 -39.28 -4.75
C VAL A 44 -5.65 -38.60 -5.76
N GLU A 45 -6.07 -38.63 -7.02
CA GLU A 45 -5.29 -38.02 -8.07
C GLU A 45 -5.92 -36.69 -8.45
N VAL A 46 -5.09 -35.71 -8.76
CA VAL A 46 -5.59 -34.41 -9.18
C VAL A 46 -4.83 -34.00 -10.45
N GLU A 47 -5.52 -33.36 -11.36
CA GLU A 47 -4.90 -32.89 -12.59
C GLU A 47 -5.06 -31.37 -12.56
N ILE A 48 -3.95 -30.68 -12.31
CA ILE A 48 -3.96 -29.22 -12.25
C ILE A 48 -3.84 -28.72 -13.70
N LYS A 49 -4.79 -27.90 -14.13
CA LYS A 49 -4.81 -27.38 -15.50
C LYS A 49 -4.11 -26.02 -15.64
N PRO A 50 -3.40 -25.79 -16.75
CA PRO A 50 -2.71 -24.49 -16.92
C PRO A 50 -3.69 -23.32 -16.83
N GLY A 51 -3.32 -22.29 -16.09
CA GLY A 51 -4.16 -21.12 -15.97
C GLY A 51 -5.25 -21.12 -14.91
N TRP A 52 -5.51 -22.26 -14.28
CA TRP A 52 -6.52 -22.28 -13.24
C TRP A 52 -6.24 -21.15 -12.25
N LYS A 53 -7.30 -20.54 -11.71
CA LYS A 53 -7.13 -19.46 -10.76
C LYS A 53 -7.38 -19.92 -9.32
N ASP A 54 -6.95 -19.10 -8.35
CA ASP A 54 -7.18 -19.41 -6.94
C ASP A 54 -8.69 -19.40 -6.67
N GLY A 55 -9.17 -20.36 -5.90
CA GLY A 55 -10.59 -20.41 -5.61
C GLY A 55 -11.30 -21.49 -6.39
N THR A 56 -10.63 -21.99 -7.43
CA THR A 56 -11.19 -23.05 -8.26
C THR A 56 -11.52 -24.25 -7.38
N LYS A 57 -12.76 -24.72 -7.46
CA LYS A 57 -13.21 -25.85 -6.64
C LYS A 57 -13.25 -27.19 -7.38
N LEU A 58 -12.76 -28.23 -6.71
CA LEU A 58 -12.75 -29.57 -7.28
C LEU A 58 -13.57 -30.43 -6.31
N THR A 59 -14.68 -30.98 -6.79
CA THR A 59 -15.55 -31.81 -5.95
C THR A 59 -15.32 -33.31 -6.14
N TYR A 60 -14.84 -33.97 -5.09
CA TYR A 60 -14.61 -35.41 -5.14
C TYR A 60 -15.77 -36.10 -4.46
N SER A 61 -16.71 -36.59 -5.28
CA SER A 61 -17.90 -37.28 -4.75
C SER A 61 -17.55 -38.49 -3.90
N GLY A 62 -18.18 -38.57 -2.73
CA GLY A 62 -17.97 -39.70 -1.83
C GLY A 62 -16.66 -39.73 -1.05
N GLU A 63 -15.80 -38.73 -1.22
CA GLU A 63 -14.53 -38.70 -0.49
C GLU A 63 -14.59 -37.90 0.80
N GLY A 64 -15.79 -37.44 1.16
CA GLY A 64 -15.95 -36.64 2.36
C GLY A 64 -16.26 -37.40 3.65
N ASP A 65 -16.73 -36.66 4.66
CA ASP A 65 -17.04 -37.24 5.95
C ASP A 65 -18.28 -38.12 5.96
N GLN A 66 -18.26 -39.12 6.84
CA GLN A 66 -19.37 -40.04 7.04
C GLN A 66 -20.08 -39.61 8.31
N GLU A 67 -21.37 -39.34 8.21
CA GLU A 67 -22.15 -38.88 9.35
C GLU A 67 -22.54 -39.95 10.36
N SER A 68 -22.92 -41.12 9.85
CA SER A 68 -23.33 -42.24 10.69
C SER A 68 -22.73 -43.53 10.15
N PRO A 69 -22.61 -44.57 11.00
CA PRO A 69 -22.06 -45.86 10.55
C PRO A 69 -22.87 -46.44 9.41
N GLY A 70 -22.18 -46.98 8.41
CA GLY A 70 -22.86 -47.57 7.27
C GLY A 70 -23.40 -46.59 6.24
N THR A 71 -23.81 -45.39 6.67
CA THR A 71 -24.35 -44.41 5.74
C THR A 71 -23.27 -43.99 4.75
N SER A 72 -23.72 -43.57 3.55
CA SER A 72 -22.81 -43.16 2.50
C SER A 72 -22.12 -41.84 2.81
N PRO A 73 -20.79 -41.80 2.64
CA PRO A 73 -19.96 -40.61 2.87
C PRO A 73 -20.39 -39.40 2.05
N GLY A 74 -20.17 -38.22 2.59
CA GLY A 74 -20.50 -36.99 1.89
C GLY A 74 -19.41 -36.71 0.85
N ASP A 75 -19.34 -35.47 0.36
CA ASP A 75 -18.34 -35.14 -0.64
C ASP A 75 -17.19 -34.29 -0.08
N LEU A 76 -16.03 -34.36 -0.75
CA LEU A 76 -14.87 -33.56 -0.34
C LEU A 76 -14.61 -32.49 -1.41
N VAL A 77 -14.48 -31.23 -0.99
CA VAL A 77 -14.22 -30.15 -1.92
C VAL A 77 -12.84 -29.55 -1.69
N LEU A 78 -12.00 -29.60 -2.72
CA LEU A 78 -10.64 -29.08 -2.67
C LEU A 78 -10.64 -27.72 -3.35
N ILE A 79 -9.92 -26.76 -2.76
CA ILE A 79 -9.85 -25.40 -3.28
C ILE A 79 -8.41 -25.01 -3.60
N ILE A 80 -8.16 -24.62 -4.85
CA ILE A 80 -6.82 -24.22 -5.26
C ILE A 80 -6.37 -23.00 -4.49
N GLN A 81 -5.17 -23.10 -3.93
CA GLN A 81 -4.57 -22.00 -3.18
C GLN A 81 -3.11 -21.96 -3.63
N THR A 82 -2.65 -20.80 -4.05
CA THR A 82 -1.29 -20.64 -4.56
C THR A 82 -0.25 -20.23 -3.53
N LYS A 83 0.84 -20.98 -3.45
CA LYS A 83 1.90 -20.68 -2.51
C LYS A 83 2.71 -19.45 -2.94
N THR A 84 3.27 -18.75 -1.96
CA THR A 84 4.06 -17.56 -2.26
C THR A 84 5.26 -17.97 -3.11
N HIS A 85 5.53 -17.18 -4.15
CA HIS A 85 6.64 -17.48 -5.04
C HIS A 85 7.77 -16.51 -4.70
N PRO A 86 9.03 -16.95 -4.80
CA PRO A 86 10.12 -16.03 -4.47
C PRO A 86 10.50 -14.99 -5.52
N ARG A 87 9.96 -15.12 -6.72
CA ARG A 87 10.32 -14.21 -7.81
C ARG A 87 9.15 -13.44 -8.44
N PHE A 88 8.00 -14.10 -8.58
CA PHE A 88 6.83 -13.46 -9.21
C PHE A 88 5.59 -13.30 -8.34
N THR A 89 4.76 -12.32 -8.71
CA THR A 89 3.45 -12.05 -8.09
C THR A 89 2.45 -12.19 -9.25
N ARG A 90 1.42 -13.01 -9.10
CA ARG A 90 0.46 -13.14 -10.20
C ARG A 90 -0.61 -12.05 -10.09
N ASP A 91 -1.01 -11.45 -11.21
CA ASP A 91 -2.05 -10.41 -11.27
C ASP A 91 -2.96 -10.79 -12.45
N ASP A 92 -4.05 -11.49 -12.16
CA ASP A 92 -4.98 -11.98 -13.18
C ASP A 92 -4.18 -12.93 -14.07
N CYS A 93 -3.96 -12.59 -15.34
CA CYS A 93 -3.17 -13.45 -16.22
C CYS A 93 -1.73 -12.94 -16.40
N HIS A 94 -1.36 -11.91 -15.65
CA HIS A 94 -0.02 -11.36 -15.74
C HIS A 94 0.89 -11.81 -14.60
N LEU A 95 2.18 -11.59 -14.77
CA LEU A 95 3.16 -11.92 -13.74
C LEU A 95 3.95 -10.64 -13.50
N ILE A 96 4.12 -10.26 -12.23
CA ILE A 96 4.87 -9.04 -11.89
C ILE A 96 6.19 -9.42 -11.22
N LYS A 98 9.68 -7.61 -9.38
CA LYS A 98 10.30 -6.39 -8.88
C LYS A 98 11.82 -6.55 -8.99
N VAL A 99 12.44 -5.67 -9.77
CA VAL A 99 13.88 -5.73 -9.98
C VAL A 99 14.63 -4.65 -9.21
N THR A 100 15.64 -5.05 -8.44
CA THR A 100 16.44 -4.10 -7.66
C THR A 100 17.63 -3.63 -8.50
N ILE A 101 17.74 -2.32 -8.68
CA ILE A 101 18.83 -1.76 -9.47
C ILE A 101 19.38 -0.44 -8.91
N PRO A 102 20.65 -0.13 -9.23
CA PRO A 102 21.24 1.13 -8.76
C PRO A 102 20.71 2.26 -9.63
N LEU A 103 20.66 3.47 -9.06
CA LEU A 103 20.18 4.65 -9.78
C LEU A 103 20.86 4.88 -11.13
N VAL A 104 22.18 4.67 -11.20
CA VAL A 104 22.88 4.90 -12.47
C VAL A 104 22.27 4.10 -13.62
N ARG A 105 21.95 2.83 -13.36
CA ARG A 105 21.34 1.99 -14.37
C ARG A 105 19.92 2.45 -14.72
N ALA A 106 19.17 2.91 -13.73
CA ALA A 106 17.81 3.37 -13.98
C ALA A 106 17.82 4.53 -14.97
N LEU A 107 18.80 5.40 -14.81
CA LEU A 107 18.92 6.57 -15.65
C LEU A 107 19.65 6.35 -16.97
N THR A 108 20.60 5.42 -17.00
CA THR A 108 21.38 5.21 -18.22
C THR A 108 21.17 3.92 -18.99
N GLY A 109 20.34 3.02 -18.46
CA GLY A 109 20.09 1.77 -19.16
C GLY A 109 20.85 0.56 -18.66
N PHE A 110 20.31 -0.62 -18.94
CA PHE A 110 20.91 -1.88 -18.55
C PHE A 110 20.15 -3.05 -19.17
N THR A 111 20.60 -4.26 -18.90
CA THR A 111 19.95 -5.45 -19.43
C THR A 111 19.47 -6.27 -18.23
N CYS A 112 18.19 -6.60 -18.24
CA CYS A 112 17.58 -7.32 -17.13
C CYS A 112 17.34 -8.80 -17.37
N PRO A 113 17.98 -9.66 -16.56
CA PRO A 113 17.81 -11.10 -16.70
C PRO A 113 16.51 -11.55 -16.03
N VAL A 114 15.87 -12.54 -16.62
CA VAL A 114 14.63 -13.08 -16.06
C VAL A 114 14.58 -14.57 -16.32
N THR A 115 14.33 -15.33 -15.27
CA THR A 115 14.20 -16.77 -15.39
C THR A 115 12.69 -17.01 -15.31
N THR A 116 12.11 -17.53 -16.39
CA THR A 116 10.66 -17.79 -16.41
C THR A 116 10.27 -19.01 -15.58
N LEU A 117 8.96 -19.23 -15.39
CA LEU A 117 8.51 -20.36 -14.61
C LEU A 117 8.87 -21.70 -15.28
N ASP A 118 9.01 -21.70 -16.59
CA ASP A 118 9.40 -22.92 -17.29
C ASP A 118 10.91 -22.92 -17.59
N ASN A 119 11.66 -22.27 -16.71
CA ASN A 119 13.12 -22.19 -16.76
C ASN A 119 13.81 -21.64 -18.00
N ARG A 120 13.13 -20.77 -18.74
CA ARG A 120 13.75 -20.16 -19.91
C ARG A 120 14.56 -18.97 -19.39
N ASN A 121 15.63 -18.62 -20.10
CA ASN A 121 16.49 -17.54 -19.66
C ASN A 121 16.40 -16.35 -20.61
N LEU A 122 15.79 -15.27 -20.11
CA LEU A 122 15.61 -14.06 -20.90
C LEU A 122 16.55 -12.94 -20.45
N GLN A 123 16.95 -12.12 -21.40
CA GLN A 123 17.83 -10.97 -21.15
C GLN A 123 17.10 -9.82 -21.83
N ILE A 124 16.44 -9.00 -21.03
CA ILE A 124 15.64 -7.89 -21.53
C ILE A 124 16.30 -6.52 -21.44
N PRO A 125 16.48 -5.87 -22.59
CA PRO A 125 17.11 -4.55 -22.56
C PRO A 125 16.17 -3.48 -22.06
N ILE A 126 16.70 -2.62 -21.20
CA ILE A 126 15.96 -1.49 -20.64
C ILE A 126 16.66 -0.31 -21.27
N LYS A 127 16.02 0.34 -22.25
CA LYS A 127 16.62 1.45 -22.95
C LYS A 127 16.10 2.83 -22.51
N GLU A 128 14.84 2.88 -22.10
CA GLU A 128 14.26 4.14 -21.66
C GLU A 128 14.51 4.31 -20.16
N ILE A 129 14.46 5.56 -19.70
CA ILE A 129 14.66 5.86 -18.29
C ILE A 129 13.55 5.24 -17.46
N VAL A 130 13.88 4.62 -16.34
CA VAL A 130 12.86 4.05 -15.50
C VAL A 130 12.85 4.77 -14.16
N ASN A 131 11.66 4.83 -13.56
CA ASN A 131 11.50 5.50 -12.29
C ASN A 131 10.68 4.64 -11.34
N PRO A 132 10.58 5.03 -10.06
CA PRO A 132 9.83 4.26 -9.08
C PRO A 132 8.41 3.81 -9.47
N LYS A 133 7.76 4.52 -10.39
CA LYS A 133 6.41 4.14 -10.78
C LYS A 133 6.30 3.39 -12.11
N THR A 134 7.43 3.21 -12.78
CA THR A 134 7.45 2.52 -14.05
C THR A 134 6.90 1.08 -13.99
N ARG A 135 6.11 0.73 -14.99
CA ARG A 135 5.58 -0.63 -15.13
C ARG A 135 5.88 -1.03 -16.56
N LYS A 136 7.04 -1.65 -16.80
CA LYS A 136 7.42 -2.06 -18.14
C LYS A 136 6.74 -3.36 -18.51
N ILE A 137 5.93 -3.32 -19.57
CA ILE A 137 5.17 -4.48 -20.01
C ILE A 137 5.92 -5.29 -21.08
N VAL A 138 6.18 -6.56 -20.76
CA VAL A 138 6.87 -7.48 -21.67
C VAL A 138 5.81 -8.46 -22.20
N PRO A 139 5.39 -8.28 -23.46
CA PRO A 139 4.38 -9.13 -24.09
C PRO A 139 4.53 -10.64 -23.99
N ASN A 140 3.40 -11.29 -23.73
CA ASN A 140 3.31 -12.74 -23.66
C ASN A 140 4.18 -13.50 -22.68
N GLU A 141 4.75 -12.83 -21.68
CA GLU A 141 5.56 -13.53 -20.70
C GLU A 141 4.86 -13.66 -19.34
N GLY A 142 3.53 -13.69 -19.37
CA GLY A 142 2.76 -13.87 -18.16
C GLY A 142 2.28 -15.32 -18.06
N PRO A 144 -0.54 -18.59 -18.59
CA PRO A 144 -1.38 -19.12 -19.66
C PRO A 144 -2.81 -18.71 -19.30
N ILE A 145 -3.65 -18.53 -20.31
CA ILE A 145 -5.02 -18.13 -20.07
C ILE A 145 -5.90 -19.37 -20.23
N LYS A 146 -6.58 -19.75 -19.17
CA LYS A 146 -7.42 -20.95 -19.18
C LYS A 146 -8.42 -20.95 -20.34
N ASN A 147 -9.12 -19.84 -20.53
CA ASN A 147 -10.10 -19.73 -21.62
C ASN A 147 -9.51 -20.05 -23.00
N GLN A 148 -8.64 -19.19 -23.51
CA GLN A 148 -8.04 -19.42 -24.84
C GLN A 148 -6.66 -20.06 -24.75
N PRO A 149 -6.56 -21.35 -25.09
CA PRO A 149 -5.28 -22.07 -25.05
C PRO A 149 -4.22 -21.44 -25.96
N GLY A 150 -2.96 -21.62 -25.59
CA GLY A 150 -1.86 -21.07 -26.36
C GLY A 150 -1.60 -19.61 -26.04
N GLN A 151 -2.59 -18.95 -25.46
CA GLN A 151 -2.49 -17.54 -25.11
C GLN A 151 -1.91 -17.32 -23.71
N LYS A 152 -1.26 -16.18 -23.52
CA LYS A 152 -0.68 -15.83 -22.24
C LYS A 152 -0.83 -14.34 -21.95
N GLY A 153 -0.77 -14.00 -20.67
CA GLY A 153 -0.83 -12.62 -20.26
C GLY A 153 0.59 -12.07 -20.43
N ASP A 154 0.89 -10.97 -19.77
CA ASP A 154 2.21 -10.34 -19.88
C ASP A 154 3.07 -10.37 -18.62
N LEU A 155 4.36 -10.10 -18.81
CA LEU A 155 5.29 -10.00 -17.71
C LEU A 155 5.40 -8.49 -17.47
N ILE A 156 5.25 -8.09 -16.21
CA ILE A 156 5.34 -6.68 -15.84
C ILE A 156 6.55 -6.47 -14.94
N LEU A 157 7.49 -5.64 -15.40
CA LEU A 157 8.70 -5.35 -14.63
C LEU A 157 8.60 -4.02 -13.89
N GLU A 158 8.74 -4.07 -12.57
CA GLU A 158 8.70 -2.85 -11.76
C GLU A 158 10.08 -2.74 -11.13
N PHE A 159 10.51 -1.54 -10.80
CA PHE A 159 11.85 -1.36 -10.27
C PHE A 159 11.99 -0.78 -8.87
N ASP A 160 12.96 -1.30 -8.13
CA ASP A 160 13.29 -0.86 -6.78
C ASP A 160 14.67 -0.23 -6.92
N ILE A 161 14.68 1.09 -7.11
CA ILE A 161 15.89 1.88 -7.35
C ILE A 161 16.67 2.34 -6.11
N CYS A 162 17.91 1.87 -5.97
CA CYS A 162 18.75 2.23 -4.84
C CYS A 162 19.55 3.51 -5.11
N PHE A 163 19.28 4.56 -4.35
CA PHE A 163 20.00 5.82 -4.50
C PHE A 163 21.34 5.68 -3.77
N PRO A 164 22.36 6.40 -4.23
CA PRO A 164 23.68 6.31 -3.57
C PRO A 164 23.59 6.91 -2.17
N LYS A 165 24.37 6.37 -1.24
CA LYS A 165 24.36 6.89 0.14
C LYS A 165 25.05 8.25 0.22
N SER A 166 26.08 8.44 -0.60
CA SER A 166 26.82 9.71 -0.61
C SER A 166 27.42 10.05 -1.97
N LEU A 167 27.71 11.34 -2.16
CA LEU A 167 28.29 11.85 -3.40
C LEU A 167 29.23 13.01 -3.08
N THR A 168 30.49 12.90 -3.51
CA THR A 168 31.47 13.95 -3.28
C THR A 168 31.01 15.24 -3.93
N PRO A 169 31.55 16.39 -3.48
CA PRO A 169 31.16 17.69 -4.05
C PRO A 169 31.43 17.79 -5.55
N GLU A 170 32.43 17.06 -6.02
CA GLU A 170 32.78 17.07 -7.43
C GLU A 170 31.69 16.34 -8.23
N GLN A 171 31.21 15.23 -7.67
CA GLN A 171 30.16 14.43 -8.31
C GLN A 171 28.86 15.19 -8.45
N LYS A 172 28.48 15.92 -7.40
CA LYS A 172 27.26 16.70 -7.44
C LYS A 172 27.33 17.79 -8.49
N LYS A 173 28.48 18.45 -8.59
CA LYS A 173 28.66 19.50 -9.58
C LYS A 173 28.49 18.90 -10.97
N LEU A 174 28.95 17.66 -11.15
CA LEU A 174 28.82 16.98 -12.43
C LEU A 174 27.37 16.63 -12.72
N ILE A 175 26.64 16.25 -11.68
CA ILE A 175 25.24 15.89 -11.82
C ILE A 175 24.42 17.12 -12.20
N LYS A 176 24.76 18.26 -11.60
CA LYS A 176 24.05 19.50 -11.89
C LYS A 176 24.19 19.80 -13.39
N GLU A 177 25.43 19.68 -13.88
CA GLU A 177 25.72 19.92 -15.28
C GLU A 177 24.95 18.96 -16.17
N ALA A 178 24.94 17.68 -15.79
CA ALA A 178 24.26 16.65 -16.56
C ALA A 178 22.75 16.85 -16.59
N LEU A 179 22.13 16.84 -15.42
CA LEU A 179 20.68 17.00 -15.30
C LEU A 179 20.25 18.45 -15.46
N GLU B 7 -26.02 12.57 17.63
CA GLU B 7 -24.87 13.51 17.76
C GLU B 7 -24.72 14.35 16.50
N VAL B 8 -24.05 15.48 16.62
CA VAL B 8 -23.84 16.36 15.48
C VAL B 8 -22.35 16.62 15.29
N PRO B 9 -21.81 16.29 14.11
CA PRO B 9 -20.39 16.50 13.81
C PRO B 9 -19.98 17.98 13.78
N LEU B 10 -18.77 18.24 14.24
CA LEU B 10 -18.23 19.60 14.26
C LEU B 10 -16.94 19.64 13.46
N LEU B 11 -17.05 20.08 12.20
CA LEU B 11 -15.88 20.16 11.33
C LEU B 11 -14.97 21.33 11.66
N VAL B 12 -13.70 21.01 11.89
CA VAL B 12 -12.69 22.00 12.22
C VAL B 12 -11.47 21.74 11.36
N THR B 13 -10.57 22.72 11.27
CA THR B 13 -9.36 22.59 10.48
C THR B 13 -8.15 22.37 11.36
N LEU B 14 -7.05 21.94 10.77
CA LEU B 14 -5.82 21.70 11.52
C LEU B 14 -5.26 22.98 12.12
N GLU B 15 -5.54 24.11 11.47
CA GLU B 15 -5.07 25.40 11.95
C GLU B 15 -5.82 25.77 13.23
N GLU B 16 -7.11 25.48 13.24
CA GLU B 16 -7.96 25.75 14.40
C GLU B 16 -7.56 24.84 15.56
N LEU B 17 -7.03 23.66 15.23
CA LEU B 17 -6.60 22.69 16.24
C LEU B 17 -5.17 23.00 16.67
N TYR B 18 -4.44 23.72 15.83
CA TYR B 18 -3.06 24.08 16.13
C TYR B 18 -2.99 25.25 17.10
N LEU B 19 -3.63 26.36 16.73
CA LEU B 19 -3.65 27.58 17.53
C LEU B 19 -4.78 27.61 18.56
N GLY B 20 -6.00 27.43 18.08
CA GLY B 20 -7.16 27.48 18.94
C GLY B 20 -8.16 28.44 18.33
N LYS B 21 -9.44 28.17 18.48
CA LYS B 21 -10.47 29.04 17.92
C LYS B 21 -11.80 28.90 18.66
N ARG B 22 -12.57 29.97 18.68
CA ARG B 22 -13.88 29.95 19.33
C ARG B 22 -14.89 30.18 18.21
N LYS B 23 -15.35 29.08 17.63
CA LYS B 23 -16.29 29.13 16.51
C LYS B 23 -17.72 29.44 16.93
N LYS B 24 -18.52 29.88 15.97
CA LYS B 24 -19.92 30.21 16.19
C LYS B 24 -20.76 29.30 15.31
N ILE B 25 -21.18 28.16 15.83
CA ILE B 25 -21.96 27.20 15.07
C ILE B 25 -23.46 27.48 15.14
N LYS B 26 -24.17 27.17 14.06
CA LYS B 26 -25.61 27.37 14.00
C LYS B 26 -26.33 26.05 14.24
N VAL B 27 -27.35 26.08 15.09
CA VAL B 27 -28.11 24.88 15.41
C VAL B 27 -29.60 25.21 15.52
N THR B 28 -30.43 24.33 14.96
CA THR B 28 -31.87 24.54 15.00
C THR B 28 -32.56 23.49 15.88
N ARG B 29 -33.36 23.99 16.82
CA ARG B 29 -34.08 23.13 17.76
C ARG B 29 -35.52 23.60 17.94
N GLU B 40 -36.69 27.75 15.13
CA GLU B 40 -35.81 28.03 16.26
C GLU B 40 -34.36 27.78 15.86
N GLU B 41 -33.74 28.80 15.29
CA GLU B 41 -32.35 28.72 14.84
C GLU B 41 -31.47 29.59 15.74
N ASN B 42 -30.56 28.95 16.48
CA ASN B 42 -29.67 29.68 17.36
C ASN B 42 -28.20 29.43 17.05
N ILE B 43 -27.34 30.35 17.48
CA ILE B 43 -25.91 30.24 17.24
C ILE B 43 -25.18 29.97 18.56
N VAL B 44 -24.43 28.87 18.60
CA VAL B 44 -23.70 28.50 19.81
C VAL B 44 -22.19 28.63 19.62
N GLU B 45 -21.55 29.34 20.55
CA GLU B 45 -20.11 29.53 20.47
C GLU B 45 -19.40 28.34 21.09
N VAL B 46 -18.55 27.70 20.30
CA VAL B 46 -17.82 26.52 20.74
C VAL B 46 -16.31 26.77 20.71
N GLU B 47 -15.68 26.61 21.86
CA GLU B 47 -14.23 26.80 21.96
C GLU B 47 -13.48 25.55 21.53
N ILE B 48 -12.31 25.76 20.92
CA ILE B 48 -11.47 24.66 20.44
C ILE B 48 -10.09 24.79 21.09
N LYS B 49 -9.69 23.77 21.86
CA LYS B 49 -8.38 23.81 22.50
C LYS B 49 -7.32 23.13 21.65
N PRO B 50 -6.08 23.63 21.73
CA PRO B 50 -4.95 23.07 20.98
C PRO B 50 -4.67 21.63 21.34
N GLY B 51 -4.44 20.80 20.32
CA GLY B 51 -4.14 19.41 20.57
C GLY B 51 -5.31 18.46 20.52
N TRP B 52 -6.54 18.98 20.52
CA TRP B 52 -7.69 18.09 20.47
C TRP B 52 -7.64 17.17 19.25
N LYS B 53 -7.93 15.90 19.47
CA LYS B 53 -7.93 14.90 18.42
C LYS B 53 -9.36 14.59 17.96
N ASP B 54 -9.48 13.89 16.84
CA ASP B 54 -10.80 13.53 16.32
C ASP B 54 -11.54 12.62 17.29
N GLY B 55 -12.85 12.80 17.35
CA GLY B 55 -13.66 11.98 18.25
C GLY B 55 -13.99 12.71 19.52
N THR B 56 -13.24 13.77 19.84
CA THR B 56 -13.46 14.55 21.05
C THR B 56 -14.93 14.96 21.13
N LYS B 57 -15.59 14.55 22.20
CA LYS B 57 -17.00 14.87 22.39
C LYS B 57 -17.20 16.09 23.28
N LEU B 58 -18.11 16.98 22.87
CA LEU B 58 -18.43 18.19 23.61
C LEU B 58 -19.93 18.21 23.84
N THR B 59 -20.35 18.59 25.04
CA THR B 59 -21.78 18.62 25.35
C THR B 59 -22.23 19.99 25.86
N TYR B 60 -23.29 20.50 25.25
CA TYR B 60 -23.85 21.81 25.62
C TYR B 60 -25.28 21.63 26.09
N SER B 61 -25.51 21.79 27.39
CA SER B 61 -26.84 21.64 27.95
C SER B 61 -27.78 22.77 27.54
N GLY B 62 -29.07 22.45 27.45
CA GLY B 62 -30.07 23.44 27.08
C GLY B 62 -30.16 23.76 25.60
N GLU B 63 -29.19 23.30 24.81
CA GLU B 63 -29.17 23.57 23.38
C GLU B 63 -29.83 22.47 22.57
N GLY B 64 -30.52 21.56 23.25
CA GLY B 64 -31.19 20.48 22.58
C GLY B 64 -32.69 20.70 22.44
N ASP B 65 -33.41 19.66 22.00
CA ASP B 65 -34.86 19.74 21.82
C ASP B 65 -35.63 19.65 23.12
N GLN B 66 -36.68 20.46 23.24
CA GLN B 66 -37.55 20.47 24.42
C GLN B 66 -38.74 19.55 24.15
N GLU B 67 -38.93 18.54 25.00
CA GLU B 67 -40.02 17.59 24.83
C GLU B 67 -41.39 18.10 25.23
N SER B 68 -41.45 18.96 26.25
CA SER B 68 -42.70 19.52 26.72
C SER B 68 -42.48 20.83 27.48
N PRO B 69 -43.52 21.67 27.55
CA PRO B 69 -43.45 22.96 28.25
C PRO B 69 -43.02 22.79 29.70
N GLY B 70 -43.47 21.69 30.32
CA GLY B 70 -43.14 21.42 31.70
C GLY B 70 -41.75 20.88 31.94
N THR B 71 -40.94 20.86 30.88
CA THR B 71 -39.56 20.35 30.99
C THR B 71 -38.61 21.22 30.16
N SER B 72 -37.36 21.32 30.62
CA SER B 72 -36.35 22.12 29.91
C SER B 72 -35.76 21.35 28.72
N PRO B 73 -35.25 22.07 27.71
CA PRO B 73 -34.65 21.50 26.51
C PRO B 73 -33.48 20.55 26.81
N GLY B 74 -33.33 19.50 26.00
CA GLY B 74 -32.26 18.55 26.20
C GLY B 74 -30.89 19.11 25.85
N ASP B 75 -29.86 18.26 25.88
CA ASP B 75 -28.51 18.71 25.56
C ASP B 75 -28.15 18.48 24.09
N LEU B 76 -27.09 19.16 23.65
CA LEU B 76 -26.58 19.07 22.29
C LEU B 76 -25.19 18.42 22.36
N VAL B 77 -24.97 17.36 21.59
CA VAL B 77 -23.69 16.66 21.58
C VAL B 77 -22.96 16.86 20.26
N LEU B 78 -21.71 17.31 20.33
CA LEU B 78 -20.91 17.54 19.13
C LEU B 78 -19.66 16.66 19.14
N ILE B 79 -19.20 16.27 17.96
CA ILE B 79 -18.01 15.43 17.84
C ILE B 79 -17.01 16.08 16.89
N ILE B 80 -15.80 16.34 17.39
CA ILE B 80 -14.76 16.97 16.58
C ILE B 80 -14.44 16.16 15.33
N GLN B 81 -14.52 16.82 14.17
CA GLN B 81 -14.23 16.19 12.89
C GLN B 81 -13.24 17.08 12.14
N THR B 82 -12.03 16.59 11.96
CA THR B 82 -11.00 17.36 11.27
C THR B 82 -11.12 17.29 9.75
N LYS B 83 -10.93 18.43 9.09
CA LYS B 83 -10.99 18.51 7.64
C LYS B 83 -9.64 18.19 7.05
N THR B 84 -9.63 17.78 5.79
CA THR B 84 -8.40 17.44 5.10
C THR B 84 -7.60 18.70 4.82
N HIS B 85 -6.33 18.70 5.19
CA HIS B 85 -5.46 19.85 4.97
C HIS B 85 -4.65 19.68 3.68
N PRO B 86 -4.72 20.67 2.79
CA PRO B 86 -4.02 20.67 1.50
C PRO B 86 -2.51 20.50 1.57
N ARG B 87 -1.91 20.77 2.73
CA ARG B 87 -0.47 20.67 2.86
C ARG B 87 0.05 19.81 4.00
N PHE B 88 -0.84 19.29 4.83
CA PHE B 88 -0.42 18.48 5.98
C PHE B 88 -1.31 17.30 6.32
N THR B 89 -0.71 16.31 6.98
CA THR B 89 -1.41 15.12 7.45
C THR B 89 -1.01 14.98 8.91
N ARG B 90 -1.96 14.69 9.77
CA ARG B 90 -1.68 14.58 11.20
C ARG B 90 -1.44 13.14 11.68
N ASP B 91 -0.43 12.98 12.52
CA ASP B 91 -0.10 11.69 13.11
C ASP B 91 0.17 11.91 14.59
N ASP B 92 -0.91 12.04 15.36
CA ASP B 92 -0.84 12.27 16.80
C ASP B 92 -0.30 13.69 17.03
N CYS B 93 0.91 13.82 17.55
CA CYS B 93 1.48 15.14 17.79
C CYS B 93 2.48 15.50 16.69
N HIS B 94 2.47 14.73 15.61
CA HIS B 94 3.37 14.97 14.50
C HIS B 94 2.65 15.39 13.23
N LEU B 95 3.36 16.11 12.37
CA LEU B 95 2.81 16.57 11.11
C LEU B 95 3.66 16.01 9.96
N ILE B 96 3.01 15.69 8.85
CA ILE B 96 3.72 15.15 7.69
C ILE B 96 3.39 15.97 6.45
N LYS B 98 4.11 16.28 2.17
CA LYS B 98 4.64 15.71 0.93
C LYS B 98 5.13 16.85 0.05
N VAL B 99 6.39 16.78 -0.35
CA VAL B 99 6.99 17.82 -1.19
C VAL B 99 7.50 17.26 -2.52
N THR B 100 6.91 17.71 -3.62
CA THR B 100 7.34 17.26 -4.94
C THR B 100 8.60 18.03 -5.35
N ILE B 101 9.67 17.29 -5.67
CA ILE B 101 10.93 17.90 -6.05
C ILE B 101 11.63 17.14 -7.19
N PRO B 102 12.31 17.86 -8.09
CA PRO B 102 13.02 17.26 -9.22
C PRO B 102 14.20 16.42 -8.76
N LEU B 103 14.46 15.31 -9.45
CA LEU B 103 15.57 14.41 -9.13
C LEU B 103 16.89 15.13 -8.87
N VAL B 104 17.21 16.10 -9.71
CA VAL B 104 18.47 16.82 -9.55
C VAL B 104 18.61 17.47 -8.18
N ARG B 105 17.53 18.05 -7.67
CA ARG B 105 17.56 18.69 -6.36
C ARG B 105 17.77 17.64 -5.26
N ALA B 106 17.17 16.48 -5.44
CA ALA B 106 17.29 15.40 -4.46
C ALA B 106 18.72 14.89 -4.34
N LEU B 107 19.47 14.92 -5.44
CA LEU B 107 20.86 14.45 -5.44
C LEU B 107 21.89 15.54 -5.11
N THR B 108 21.62 16.77 -5.54
CA THR B 108 22.56 17.86 -5.30
C THR B 108 22.25 18.77 -4.11
N GLY B 109 20.96 19.01 -3.85
CA GLY B 109 20.59 19.85 -2.72
C GLY B 109 19.56 20.91 -3.06
N PHE B 110 18.89 21.44 -2.03
CA PHE B 110 17.87 22.47 -2.23
C PHE B 110 17.19 22.82 -0.90
N THR B 111 16.61 24.01 -0.82
CA THR B 111 15.90 24.44 0.39
C THR B 111 14.41 24.27 0.16
N CYS B 112 13.74 23.64 1.12
CA CYS B 112 12.31 23.39 1.00
C CYS B 112 11.42 24.43 1.68
N PRO B 113 10.38 24.90 0.96
CA PRO B 113 9.43 25.90 1.45
C PRO B 113 8.40 25.24 2.37
N VAL B 114 8.15 25.85 3.52
CA VAL B 114 7.20 25.30 4.48
C VAL B 114 6.28 26.36 5.08
N THR B 115 5.03 26.39 4.63
CA THR B 115 4.05 27.34 5.15
C THR B 115 3.33 26.67 6.31
N THR B 116 3.86 26.85 7.52
CA THR B 116 3.28 26.24 8.71
C THR B 116 1.84 26.65 8.97
N LEU B 117 1.26 26.06 10.00
CA LEU B 117 -0.11 26.36 10.40
C LEU B 117 -0.09 27.62 11.26
N ASP B 118 -0.66 28.70 10.76
CA ASP B 118 -0.71 29.97 11.49
C ASP B 118 -1.77 30.89 10.87
N ARG B 120 3.35 31.43 8.64
CA ARG B 120 4.74 31.82 8.42
C ARG B 120 5.47 30.88 7.44
N ASN B 121 6.55 31.39 6.84
CA ASN B 121 7.34 30.61 5.89
C ASN B 121 8.65 30.12 6.51
N LEU B 122 8.83 28.81 6.52
CA LEU B 122 10.04 28.21 7.10
C LEU B 122 10.82 27.43 6.04
N GLN B 123 11.91 28.03 5.56
CA GLN B 123 12.75 27.40 4.54
C GLN B 123 13.69 26.36 5.15
N ILE B 124 13.57 25.13 4.68
CA ILE B 124 14.38 24.04 5.17
C ILE B 124 15.36 23.56 4.10
N PRO B 125 16.63 23.94 4.23
CA PRO B 125 17.66 23.55 3.27
C PRO B 125 18.17 22.13 3.51
N ILE B 126 17.98 21.26 2.52
CA ILE B 126 18.43 19.88 2.61
C ILE B 126 19.69 19.76 1.76
N LYS B 127 20.78 19.27 2.35
CA LYS B 127 22.03 19.13 1.60
C LYS B 127 22.35 17.68 1.25
N GLU B 128 22.08 16.77 2.18
CA GLU B 128 22.35 15.35 1.97
C GLU B 128 21.43 14.76 0.91
N ILE B 129 21.81 13.60 0.39
CA ILE B 129 21.01 12.94 -0.64
C ILE B 129 19.69 12.42 -0.10
N VAL B 130 18.61 12.78 -0.78
CA VAL B 130 17.28 12.32 -0.38
C VAL B 130 16.78 11.28 -1.38
N ASN B 131 16.16 10.22 -0.87
CA ASN B 131 15.62 9.18 -1.73
C ASN B 131 14.13 8.98 -1.45
N PRO B 132 13.44 8.15 -2.25
CA PRO B 132 12.01 7.88 -2.08
C PRO B 132 11.56 7.41 -0.70
N LYS B 133 12.48 6.83 0.07
CA LYS B 133 12.15 6.33 1.40
C LYS B 133 12.63 7.26 2.51
N THR B 134 13.10 8.44 2.12
CA THR B 134 13.61 9.41 3.09
C THR B 134 12.53 10.04 3.96
N ARG B 135 12.85 10.21 5.23
CA ARG B 135 11.94 10.83 6.19
C ARG B 135 12.74 11.82 7.04
N LYS B 136 12.75 13.07 6.60
CA LYS B 136 13.49 14.12 7.31
C LYS B 136 12.71 14.57 8.54
N ILE B 137 13.26 14.27 9.71
CA ILE B 137 12.62 14.60 10.98
C ILE B 137 13.25 15.85 11.59
N VAL B 138 12.43 16.88 11.78
CA VAL B 138 12.89 18.13 12.35
C VAL B 138 12.84 18.10 13.88
N ASN B 140 10.31 20.21 16.61
CA ASN B 140 9.26 21.06 17.17
C ASN B 140 8.60 21.92 16.10
N GLU B 141 7.99 21.28 15.12
CA GLU B 141 7.31 22.01 14.06
C GLU B 141 6.00 21.32 13.70
N GLY B 142 5.59 20.40 14.57
CA GLY B 142 4.34 19.67 14.37
C GLY B 142 3.22 20.30 15.18
N PRO B 144 1.02 21.10 18.76
CA PRO B 144 1.37 21.40 20.15
C PRO B 144 1.08 20.18 21.03
N ILE B 145 2.01 19.84 21.92
CA ILE B 145 1.81 18.70 22.81
C ILE B 145 1.11 19.15 24.08
N LYS B 146 0.17 18.33 24.53
CA LYS B 146 -0.63 18.59 25.72
C LYS B 146 0.15 18.92 26.99
N ASN B 147 -0.26 20.00 27.65
CA ASN B 147 0.34 20.46 28.90
C ASN B 147 1.84 20.72 28.86
N GLN B 148 2.35 21.07 27.67
CA GLN B 148 3.77 21.37 27.50
C GLN B 148 3.91 22.63 26.64
N PRO B 149 3.74 23.80 27.26
CA PRO B 149 3.82 25.12 26.63
C PRO B 149 4.97 25.33 25.65
N GLY B 150 4.66 25.96 24.52
CA GLY B 150 5.67 26.25 23.51
C GLY B 150 6.30 25.06 22.83
N GLN B 151 6.03 23.86 23.33
CA GLN B 151 6.59 22.64 22.76
C GLN B 151 5.65 21.97 21.77
N LYS B 152 6.17 21.58 20.62
CA LYS B 152 5.38 20.94 19.59
C LYS B 152 6.02 19.64 19.10
N GLY B 153 5.31 18.92 18.25
CA GLY B 153 5.82 17.67 17.72
C GLY B 153 6.80 17.83 16.57
N ASP B 154 7.34 16.72 16.10
CA ASP B 154 8.30 16.73 15.00
C ASP B 154 7.63 16.92 13.65
N LEU B 155 8.36 17.55 12.73
CA LEU B 155 7.87 17.79 11.38
C LEU B 155 8.55 16.78 10.47
N ILE B 156 7.77 15.84 9.93
CA ILE B 156 8.33 14.81 9.05
C ILE B 156 8.18 15.21 7.59
N LEU B 157 9.32 15.36 6.91
CA LEU B 157 9.34 15.74 5.50
C LEU B 157 9.48 14.54 4.58
N GLU B 158 8.47 14.31 3.73
CA GLU B 158 8.50 13.21 2.79
C GLU B 158 8.69 13.82 1.40
N PHE B 159 9.46 13.15 0.56
CA PHE B 159 9.74 13.69 -0.77
C PHE B 159 9.23 12.89 -1.96
N ASP B 160 8.65 13.61 -2.92
CA ASP B 160 8.13 13.02 -4.14
C ASP B 160 9.08 13.39 -5.27
N ILE B 161 10.17 12.63 -5.38
CA ILE B 161 11.20 12.85 -6.39
C ILE B 161 10.73 12.63 -7.83
N CYS B 162 10.77 13.70 -8.62
CA CYS B 162 10.35 13.67 -10.02
C CYS B 162 11.51 13.30 -10.95
N PHE B 163 11.37 12.20 -11.69
CA PHE B 163 12.42 11.76 -12.60
C PHE B 163 12.29 12.38 -13.99
N PRO B 164 13.42 12.55 -14.71
CA PRO B 164 13.39 13.12 -16.05
C PRO B 164 12.64 12.16 -16.97
N LYS B 165 11.83 12.69 -17.87
CA LYS B 165 11.09 11.86 -18.82
C LYS B 165 12.07 11.17 -19.78
N SER B 166 13.09 11.92 -20.19
CA SER B 166 14.10 11.39 -21.11
C SER B 166 15.40 12.19 -21.00
N LEU B 167 16.50 11.58 -21.43
CA LEU B 167 17.80 12.23 -21.41
C LEU B 167 18.50 11.96 -22.72
N THR B 168 19.36 12.89 -23.13
CA THR B 168 20.11 12.74 -24.38
C THR B 168 21.29 11.81 -24.15
N PRO B 169 21.80 11.20 -25.23
CA PRO B 169 22.94 10.27 -25.11
C PRO B 169 24.11 10.89 -24.36
N GLU B 170 24.27 12.22 -24.50
CA GLU B 170 25.38 12.92 -23.85
C GLU B 170 25.14 13.09 -22.35
N GLN B 171 23.88 13.29 -21.97
CA GLN B 171 23.57 13.46 -20.55
C GLN B 171 23.84 12.15 -19.85
N LYS B 172 23.42 11.05 -20.46
CA LYS B 172 23.62 9.73 -19.89
C LYS B 172 25.10 9.41 -19.71
N LYS B 173 25.92 9.78 -20.69
CA LYS B 173 27.35 9.54 -20.58
C LYS B 173 27.94 10.30 -19.39
N LEU B 174 27.54 11.56 -19.25
CA LEU B 174 28.01 12.39 -18.14
C LEU B 174 27.55 11.80 -16.82
N ILE B 175 26.32 11.29 -16.79
CA ILE B 175 25.79 10.70 -15.57
C ILE B 175 26.60 9.48 -15.15
N LYS B 176 26.95 8.62 -16.10
CA LYS B 176 27.74 7.43 -15.79
C LYS B 176 29.12 7.83 -15.25
N GLU B 177 29.69 8.89 -15.80
CA GLU B 177 30.99 9.36 -15.35
C GLU B 177 30.88 9.95 -13.94
N ALA B 178 29.79 10.66 -13.68
CA ALA B 178 29.56 11.27 -12.38
C ALA B 178 29.32 10.23 -11.29
N LEU B 179 28.37 9.32 -11.53
CA LEU B 179 28.05 8.29 -10.56
C LEU B 179 29.02 7.13 -10.62
#